data_6TUC
#
_entry.id   6TUC
#
_cell.length_a   47.185
_cell.length_b   66.529
_cell.length_c   49.224
_cell.angle_alpha   90.000
_cell.angle_beta   92.129
_cell.angle_gamma   90.000
#
_symmetry.space_group_name_H-M   'P 1 21 1'
#
loop_
_entity.id
_entity.type
_entity.pdbx_description
1 polymer 'aldose reductase'
2 non-polymer 'CITRIC ACID'
3 non-polymer '2-(2-((3-boronobenzyl)carbamoyl)-5-fluorophenoxy)acetic acid'
4 non-polymer 'NADP NICOTINAMIDE-ADENINE-DINUCLEOTIDE PHOSPHATE'
5 water water
#
_entity_poly.entity_id   1
_entity_poly.type   'polypeptide(L)'
_entity_poly.pdbx_seq_one_letter_code
;MASRILLNNGAKMPILGLGTWKSPPGQVTEAVKVAIDVGYRHIDCAHVYQNENEVGVAIQEKLREQVVKREELFIVSKLW
CTYHEKGLVKGACQKTLSDLKLDYLDLYLIHWPTGFKPGKEFFPLDESGNVVPSDTNILDTWAAMEELVDEGLVKAIGIS
NFNHLQVEMILNKPGLKYKPAVNQIECHPYLTQEKLIQYCQSKGIVVTAYSPLGSPDRPWAKPEDPSLLEDPRIKAIAAK
HNKTTAQVLIRFPMQRNLVVIPKSVTPERIAENFKVFDFELSSQDMTTLLSYNRNWRVCALLSCTSHKDYPFHEEF
;
_entity_poly.pdbx_strand_id   A
#
loop_
_chem_comp.id
_chem_comp.type
_chem_comp.name
_chem_comp.formula
CIT non-polymer 'CITRIC ACID' 'C6 H8 O7'
NAP non-polymer 'NADP NICOTINAMIDE-ADENINE-DINUCLEOTIDE PHOSPHATE' 'C21 H28 N7 O17 P3'
NXK non-polymer '2-(2-((3-boronobenzyl)carbamoyl)-5-fluorophenoxy)acetic acid' 'C16 H15 B F N O6'
#
# COMPACT_ATOMS: atom_id res chain seq x y z
N MET A 1 -0.04 -17.00 -14.50
CA MET A 1 -0.17 -17.02 -13.02
C MET A 1 -1.57 -16.61 -12.62
N ALA A 2 -2.09 -17.24 -11.57
CA ALA A 2 -3.41 -16.88 -11.06
C ALA A 2 -3.43 -15.43 -10.64
N SER A 3 -4.57 -14.78 -10.84
CA SER A 3 -4.63 -13.34 -10.65
C SER A 3 -4.87 -12.91 -9.20
N ARG A 4 -5.32 -13.80 -8.31
CA ARG A 4 -5.68 -13.43 -6.95
C ARG A 4 -5.02 -14.36 -5.94
N ILE A 5 -4.82 -13.84 -4.73
CA ILE A 5 -4.26 -14.57 -3.60
C ILE A 5 -5.30 -14.61 -2.49
N LEU A 6 -5.39 -15.75 -1.83
CA LEU A 6 -6.38 -15.93 -0.76
C LEU A 6 -5.87 -15.32 0.53
N LEU A 7 -6.68 -14.43 1.11
CA LEU A 7 -6.38 -13.82 2.39
C LEU A 7 -6.94 -14.64 3.54
N ASN A 8 -6.44 -14.35 4.73
CA ASN A 8 -6.85 -15.04 5.94
C ASN A 8 -8.22 -14.57 6.47
N ASN A 9 -8.93 -13.69 5.74
CA ASN A 9 -10.34 -13.42 6.00
C ASN A 9 -11.26 -14.20 5.05
N GLY A 10 -10.70 -15.07 4.22
CA GLY A 10 -11.49 -15.84 3.28
C GLY A 10 -11.76 -15.19 1.95
N ALA A 11 -11.35 -13.93 1.74
CA ALA A 11 -11.54 -13.22 0.49
C ALA A 11 -10.28 -13.31 -0.36
N LYS A 12 -10.44 -13.08 -1.66
CA LYS A 12 -9.36 -13.14 -2.63
C LYS A 12 -8.96 -11.73 -3.04
N MET A 13 -7.66 -11.48 -3.12
CA MET A 13 -7.11 -10.16 -3.40
C MET A 13 -6.32 -10.19 -4.70
N PRO A 14 -6.60 -9.31 -5.66
CA PRO A 14 -5.79 -9.29 -6.88
C PRO A 14 -4.33 -8.95 -6.59
N ILE A 15 -3.43 -9.73 -7.18
CA ILE A 15 -2.01 -9.58 -6.91
C ILE A 15 -1.39 -8.37 -7.59
N LEU A 16 -2.09 -7.74 -8.54
N LEU A 16 -2.06 -7.81 -8.60
CA LEU A 16 -1.57 -6.56 -9.22
CA LEU A 16 -1.64 -6.57 -9.23
C LEU A 16 -2.59 -5.44 -9.09
C LEU A 16 -2.67 -5.50 -8.90
N GLY A 17 -2.20 -4.35 -8.41
CA GLY A 17 -3.05 -3.20 -8.23
C GLY A 17 -2.39 -1.94 -8.76
N LEU A 18 -3.20 -0.88 -8.84
CA LEU A 18 -2.73 0.43 -9.26
C LEU A 18 -2.45 1.30 -8.04
N GLY A 19 -1.23 1.81 -7.95
CA GLY A 19 -0.90 2.79 -6.93
C GLY A 19 -1.36 4.19 -7.32
N THR A 20 -1.61 5.02 -6.29
CA THR A 20 -2.13 6.37 -6.50
C THR A 20 -1.40 7.46 -5.73
N TRP A 21 -0.33 7.16 -4.99
CA TRP A 21 0.44 8.23 -4.34
C TRP A 21 1.13 9.07 -5.40
N LYS A 22 0.93 10.39 -5.34
CA LYS A 22 1.51 11.38 -6.24
C LYS A 22 0.73 11.49 -7.55
N SER A 23 -0.31 10.69 -7.75
CA SER A 23 -1.09 10.81 -8.98
C SER A 23 -1.85 12.13 -8.93
N PRO A 24 -1.61 13.07 -9.84
CA PRO A 24 -2.23 14.38 -9.69
C PRO A 24 -3.74 14.27 -9.70
N PRO A 25 -4.44 15.10 -8.93
CA PRO A 25 -5.90 14.98 -8.89
C PRO A 25 -6.55 15.19 -10.24
N GLY A 26 -5.95 15.98 -11.13
CA GLY A 26 -6.47 16.21 -12.48
C GLY A 26 -6.14 15.13 -13.48
N GLN A 27 -5.36 14.12 -13.07
CA GLN A 27 -5.02 12.99 -13.92
C GLN A 27 -5.46 11.64 -13.38
N VAL A 28 -5.75 11.54 -12.08
CA VAL A 28 -5.94 10.24 -11.49
C VAL A 28 -7.31 9.65 -11.84
N THR A 29 -8.32 10.48 -12.12
CA THR A 29 -9.60 9.92 -12.54
C THR A 29 -9.43 9.15 -13.85
N GLU A 30 -8.77 9.76 -14.83
N GLU A 30 -8.79 9.78 -14.84
CA GLU A 30 -8.53 9.05 -16.09
CA GLU A 30 -8.47 9.08 -16.09
C GLU A 30 -7.59 7.87 -15.89
C GLU A 30 -7.64 7.84 -15.82
N ALA A 31 -6.62 7.96 -14.97
CA ALA A 31 -5.72 6.83 -14.74
C ALA A 31 -6.49 5.62 -14.24
N VAL A 32 -7.37 5.84 -13.27
CA VAL A 32 -8.13 4.73 -12.70
C VAL A 32 -9.12 4.17 -13.72
N LYS A 33 -9.77 5.06 -14.49
N LYS A 33 -9.74 5.05 -14.52
CA LYS A 33 -10.66 4.61 -15.56
CA LYS A 33 -10.67 4.56 -15.55
C LYS A 33 -9.93 3.70 -16.54
C LYS A 33 -9.95 3.70 -16.58
N VAL A 34 -8.78 4.15 -17.05
CA VAL A 34 -7.99 3.35 -17.97
C VAL A 34 -7.58 2.05 -17.33
N ALA A 35 -7.11 2.10 -16.07
CA ALA A 35 -6.70 0.88 -15.38
C ALA A 35 -7.83 -0.14 -15.35
N ILE A 36 -9.03 0.28 -14.95
CA ILE A 36 -10.14 -0.66 -14.91
C ILE A 36 -10.44 -1.20 -16.31
N ASP A 37 -10.39 -0.32 -17.32
CA ASP A 37 -10.66 -0.77 -18.69
C ASP A 37 -9.68 -1.86 -19.13
N VAL A 38 -8.41 -1.77 -18.73
CA VAL A 38 -7.38 -2.69 -19.19
C VAL A 38 -7.14 -3.86 -18.24
N GLY A 39 -7.94 -3.99 -17.20
CA GLY A 39 -8.00 -5.21 -16.41
C GLY A 39 -7.68 -5.05 -14.94
N TYR A 40 -7.22 -3.89 -14.48
CA TYR A 40 -6.95 -3.76 -13.05
C TYR A 40 -8.24 -3.86 -12.26
N ARG A 41 -8.21 -4.57 -11.14
N ARG A 41 -8.16 -4.58 -11.14
CA ARG A 41 -9.36 -4.66 -10.24
CA ARG A 41 -9.31 -4.80 -10.26
C ARG A 41 -9.06 -4.13 -8.86
C ARG A 41 -8.97 -4.46 -8.81
N HIS A 42 -7.80 -3.85 -8.57
CA HIS A 42 -7.33 -3.48 -7.24
C HIS A 42 -6.71 -2.10 -7.37
N ILE A 43 -7.18 -1.17 -6.53
CA ILE A 43 -6.65 0.19 -6.49
C ILE A 43 -6.17 0.44 -5.06
N ASP A 44 -4.92 0.93 -4.91
CA ASP A 44 -4.34 1.28 -3.62
C ASP A 44 -4.47 2.78 -3.41
N CYS A 45 -5.13 3.16 -2.32
CA CYS A 45 -5.47 4.54 -2.01
C CYS A 45 -5.02 4.92 -0.61
N ALA A 46 -5.11 6.21 -0.28
CA ALA A 46 -4.94 6.66 1.10
C ALA A 46 -5.46 8.07 1.26
N HIS A 47 -6.03 8.36 2.43
CA HIS A 47 -6.48 9.73 2.71
C HIS A 47 -5.35 10.73 2.58
N VAL A 48 -4.13 10.39 3.05
CA VAL A 48 -3.02 11.33 3.03
C VAL A 48 -2.59 11.68 1.61
N TYR A 49 -2.99 10.90 0.60
CA TYR A 49 -2.63 11.21 -0.78
C TYR A 49 -3.41 12.37 -1.33
N GLN A 50 -4.53 12.74 -0.69
CA GLN A 50 -5.33 13.91 -1.02
C GLN A 50 -6.02 13.81 -2.38
N ASN A 51 -6.21 12.61 -2.91
CA ASN A 51 -6.84 12.43 -4.22
C ASN A 51 -7.89 11.33 -4.20
N GLU A 52 -8.39 10.93 -3.02
CA GLU A 52 -9.40 9.88 -3.00
C GLU A 52 -10.71 10.30 -3.66
N ASN A 53 -11.08 11.58 -3.57
CA ASN A 53 -12.31 11.99 -4.23
C ASN A 53 -12.24 11.70 -5.73
N GLU A 54 -11.10 12.03 -6.35
CA GLU A 54 -10.90 11.87 -7.78
C GLU A 54 -10.77 10.39 -8.17
N VAL A 55 -10.13 9.58 -7.32
CA VAL A 55 -10.15 8.14 -7.54
C VAL A 55 -11.57 7.64 -7.54
N GLY A 56 -12.35 8.09 -6.57
CA GLY A 56 -13.73 7.65 -6.45
C GLY A 56 -14.59 7.98 -7.65
N VAL A 57 -14.36 9.15 -8.26
CA VAL A 57 -15.11 9.48 -9.47
C VAL A 57 -14.94 8.40 -10.52
N ALA A 58 -13.71 7.92 -10.71
CA ALA A 58 -13.45 6.88 -11.68
C ALA A 58 -14.13 5.57 -11.32
N ILE A 59 -13.99 5.14 -10.06
CA ILE A 59 -14.60 3.88 -9.62
C ILE A 59 -16.10 3.92 -9.86
N GLN A 60 -16.73 5.01 -9.43
CA GLN A 60 -18.18 5.14 -9.55
C GLN A 60 -18.61 5.12 -11.01
N GLU A 61 -17.89 5.81 -11.91
N GLU A 61 -17.84 5.77 -11.90
CA GLU A 61 -18.27 5.77 -13.32
CA GLU A 61 -18.22 5.81 -13.31
C GLU A 61 -18.23 4.35 -13.84
C GLU A 61 -18.13 4.43 -13.96
N LYS A 62 -17.13 3.64 -13.57
CA LYS A 62 -17.01 2.30 -14.12
C LYS A 62 -18.04 1.34 -13.53
N LEU A 63 -18.44 1.54 -12.27
CA LEU A 63 -19.55 0.77 -11.72
C LEU A 63 -20.86 1.16 -12.38
N ARG A 64 -21.11 2.45 -12.55
CA ARG A 64 -22.34 2.91 -13.20
C ARG A 64 -22.44 2.38 -14.62
N GLU A 65 -21.31 2.44 -15.37
N GLU A 65 -21.34 2.41 -15.36
CA GLU A 65 -21.20 1.94 -16.74
CA GLU A 65 -21.42 1.93 -16.73
C GLU A 65 -21.32 0.42 -16.82
C GLU A 65 -21.30 0.41 -16.83
N GLN A 66 -21.25 -0.29 -15.70
CA GLN A 66 -21.24 -1.75 -15.69
C GLN A 66 -20.05 -2.32 -16.45
N VAL A 67 -18.94 -1.59 -16.40
CA VAL A 67 -17.66 -2.15 -16.85
C VAL A 67 -17.19 -3.23 -15.91
N VAL A 68 -17.52 -3.08 -14.62
N VAL A 68 -17.46 -3.04 -14.62
CA VAL A 68 -17.10 -3.99 -13.57
CA VAL A 68 -17.12 -3.98 -13.55
C VAL A 68 -18.18 -3.92 -12.50
C VAL A 68 -18.26 -3.95 -12.55
N LYS A 69 -18.35 -5.02 -11.76
CA LYS A 69 -19.24 -5.06 -10.61
C LYS A 69 -18.44 -4.77 -9.35
N ARG A 70 -19.12 -4.25 -8.32
CA ARG A 70 -18.42 -3.89 -7.08
C ARG A 70 -17.71 -5.09 -6.49
N GLU A 71 -18.34 -6.27 -6.53
N GLU A 71 -18.34 -6.26 -6.55
CA GLU A 71 -17.71 -7.44 -5.93
CA GLU A 71 -17.76 -7.48 -5.99
C GLU A 71 -16.44 -7.86 -6.67
C GLU A 71 -16.43 -7.81 -6.65
N GLU A 72 -16.24 -7.40 -7.91
CA GLU A 72 -15.01 -7.68 -8.65
C GLU A 72 -13.89 -6.71 -8.34
N LEU A 73 -14.18 -5.59 -7.70
CA LEU A 73 -13.15 -4.64 -7.35
C LEU A 73 -12.63 -4.92 -5.95
N PHE A 74 -11.36 -4.55 -5.74
CA PHE A 74 -10.68 -4.71 -4.45
C PHE A 74 -10.04 -3.35 -4.13
N ILE A 75 -10.73 -2.55 -3.33
CA ILE A 75 -10.32 -1.20 -3.04
C ILE A 75 -9.69 -1.14 -1.65
N VAL A 76 -8.48 -0.59 -1.59
CA VAL A 76 -7.68 -0.51 -0.37
C VAL A 76 -7.48 0.96 0.00
N SER A 77 -7.64 1.30 1.27
CA SER A 77 -7.19 2.59 1.76
C SER A 77 -6.51 2.40 3.10
N LYS A 78 -6.11 3.52 3.71
CA LYS A 78 -5.23 3.52 4.86
C LYS A 78 -5.61 4.65 5.81
N LEU A 79 -5.58 4.32 7.10
CA LEU A 79 -5.82 5.23 8.22
C LEU A 79 -4.57 6.05 8.47
N TRP A 80 -4.67 7.37 8.32
CA TRP A 80 -3.49 8.21 8.50
C TRP A 80 -3.13 8.33 9.99
N CYS A 81 -1.88 8.73 10.24
CA CYS A 81 -1.26 8.71 11.57
C CYS A 81 -1.95 9.64 12.56
N THR A 82 -2.57 10.71 12.11
CA THR A 82 -3.26 11.65 12.98
C THR A 82 -4.66 11.18 13.39
N TYR A 83 -5.05 9.95 13.02
CA TYR A 83 -6.35 9.40 13.34
C TYR A 83 -6.25 8.10 14.14
N HIS A 84 -5.14 7.89 14.87
N HIS A 84 -5.10 7.89 14.80
CA HIS A 84 -5.01 6.63 15.62
CA HIS A 84 -4.91 6.80 15.76
C HIS A 84 -5.89 6.58 16.88
C HIS A 84 -5.48 7.18 17.11
N GLU A 85 -6.32 7.70 17.42
N GLU A 85 -6.73 7.59 17.15
CA GLU A 85 -7.20 7.65 18.60
CA GLU A 85 -7.45 7.78 18.38
C GLU A 85 -8.50 6.88 18.30
C GLU A 85 -8.68 6.93 18.28
N LYS A 86 -8.98 6.14 19.32
CA LYS A 86 -10.19 5.31 19.23
C LYS A 86 -11.37 6.10 18.68
N GLY A 87 -11.56 7.33 19.14
CA GLY A 87 -12.71 8.11 18.76
C GLY A 87 -12.63 8.75 17.38
N LEU A 88 -11.50 8.60 16.67
CA LEU A 88 -11.34 9.19 15.35
C LEU A 88 -11.32 8.17 14.22
N VAL A 89 -11.14 6.89 14.52
CA VAL A 89 -10.93 5.88 13.48
C VAL A 89 -12.16 5.72 12.58
N LYS A 90 -13.36 5.62 13.18
CA LYS A 90 -14.55 5.41 12.36
C LYS A 90 -14.77 6.57 11.40
N GLY A 91 -14.63 7.81 11.89
CA GLY A 91 -14.86 8.96 11.04
C GLY A 91 -13.84 9.07 9.93
N ALA A 92 -12.59 8.68 10.21
CA ALA A 92 -11.56 8.68 9.17
C ALA A 92 -11.90 7.66 8.08
N CYS A 93 -12.34 6.47 8.49
CA CYS A 93 -12.74 5.47 7.53
C CYS A 93 -13.93 5.96 6.71
N GLN A 94 -14.93 6.53 7.39
N GLN A 94 -14.93 6.54 7.38
CA GLN A 94 -16.12 7.00 6.69
CA GLN A 94 -16.14 6.99 6.69
C GLN A 94 -15.79 8.10 5.69
C GLN A 94 -15.86 8.16 5.74
N LYS A 95 -14.88 9.02 6.05
CA LYS A 95 -14.49 10.07 5.10
C LYS A 95 -13.89 9.45 3.84
N THR A 96 -13.01 8.46 4.02
CA THR A 96 -12.45 7.75 2.88
C THR A 96 -13.55 7.07 2.07
N LEU A 97 -14.50 6.41 2.74
CA LEU A 97 -15.60 5.77 2.02
C LEU A 97 -16.41 6.77 1.22
N SER A 98 -16.74 7.90 1.85
N SER A 98 -16.72 7.92 1.83
CA SER A 98 -17.50 8.93 1.15
CA SER A 98 -17.53 8.91 1.14
C SER A 98 -16.75 9.40 -0.08
C SER A 98 -16.78 9.51 -0.05
N ASP A 99 -15.46 9.70 0.09
CA ASP A 99 -14.66 10.20 -1.03
C ASP A 99 -14.56 9.18 -2.15
N LEU A 100 -14.36 7.91 -1.82
CA LEU A 100 -14.22 6.86 -2.82
C LEU A 100 -15.55 6.43 -3.41
N LYS A 101 -16.65 6.98 -2.86
N LYS A 101 -16.68 6.93 -2.89
CA LYS A 101 -18.03 6.64 -3.20
CA LYS A 101 -18.01 6.57 -3.41
C LYS A 101 -18.24 5.13 -3.13
C LYS A 101 -18.38 5.13 -3.09
N LEU A 102 -17.92 4.61 -1.96
CA LEU A 102 -18.09 3.22 -1.62
C LEU A 102 -18.87 3.08 -0.33
N ASP A 103 -19.50 1.92 -0.22
N ASP A 103 -19.53 1.93 -0.15
CA ASP A 103 -20.18 1.53 0.99
CA ASP A 103 -20.12 1.61 1.15
C ASP A 103 -19.27 0.73 1.92
C ASP A 103 -19.33 0.57 1.93
N TYR A 104 -18.23 0.08 1.37
CA TYR A 104 -17.26 -0.67 2.15
C TYR A 104 -15.91 -0.61 1.42
N LEU A 105 -14.84 -0.81 2.18
CA LEU A 105 -13.51 -1.07 1.64
C LEU A 105 -13.23 -2.57 1.68
N ASP A 106 -12.49 -3.05 0.68
CA ASP A 106 -12.04 -4.44 0.73
C ASP A 106 -10.94 -4.65 1.76
N LEU A 107 -10.12 -3.62 1.98
CA LEU A 107 -9.01 -3.69 2.92
C LEU A 107 -8.70 -2.29 3.43
N TYR A 108 -8.55 -2.16 4.74
CA TYR A 108 -8.18 -0.89 5.37
C TYR A 108 -6.96 -1.14 6.22
N LEU A 109 -5.91 -0.36 6.00
CA LEU A 109 -4.61 -0.55 6.62
C LEU A 109 -4.30 0.57 7.62
N ILE A 110 -3.65 0.22 8.73
CA ILE A 110 -2.96 1.24 9.53
C ILE A 110 -1.74 1.68 8.72
N HIS A 111 -1.72 2.94 8.27
CA HIS A 111 -0.74 3.37 7.27
C HIS A 111 0.70 3.26 7.80
N TRP A 112 0.91 3.65 9.06
CA TRP A 112 2.18 3.54 9.76
C TRP A 112 1.90 3.16 11.20
N PRO A 113 2.83 2.48 11.87
CA PRO A 113 2.63 2.15 13.29
C PRO A 113 2.66 3.37 14.20
N THR A 114 3.14 4.52 13.72
CA THR A 114 3.31 5.73 14.51
C THR A 114 2.02 6.57 14.52
N GLY A 115 1.49 6.84 15.71
CA GLY A 115 0.39 7.79 15.85
C GLY A 115 0.91 9.20 16.10
N PHE A 116 0.26 10.17 15.48
CA PHE A 116 0.60 11.59 15.63
C PHE A 116 -0.56 12.34 16.28
N LYS A 117 -0.25 13.47 16.89
N LYS A 117 -0.24 13.48 16.88
CA LYS A 117 -1.25 14.32 17.50
CA LYS A 117 -1.25 14.34 17.48
C LYS A 117 -2.35 14.68 16.48
C LYS A 117 -2.37 14.63 16.46
N PRO A 118 -3.63 14.44 16.80
N PRO A 118 -3.64 14.53 16.86
CA PRO A 118 -4.70 14.82 15.87
CA PRO A 118 -4.73 14.84 15.92
C PRO A 118 -4.76 16.31 15.63
C PRO A 118 -4.84 16.33 15.67
N GLY A 119 -5.36 16.65 14.49
CA GLY A 119 -5.50 18.04 14.08
C GLY A 119 -5.54 18.11 12.56
N LYS A 120 -5.52 19.35 12.05
CA LYS A 120 -5.61 19.54 10.61
C LYS A 120 -4.34 19.07 9.90
N GLU A 121 -3.17 19.27 10.53
CA GLU A 121 -1.89 18.96 9.90
C GLU A 121 -1.62 17.46 9.92
N PHE A 122 -1.24 16.93 8.75
CA PHE A 122 -0.90 15.53 8.65
C PHE A 122 0.41 15.19 9.32
N PHE A 123 1.34 16.14 9.42
CA PHE A 123 2.62 15.98 10.10
C PHE A 123 2.77 17.12 11.11
N PRO A 124 2.06 17.05 12.24
N PRO A 124 2.23 16.97 12.31
CA PRO A 124 2.05 18.17 13.19
CA PRO A 124 2.53 17.97 13.36
C PRO A 124 3.42 18.32 13.84
C PRO A 124 3.96 17.80 13.86
N LEU A 125 3.91 19.56 13.90
N LEU A 125 4.80 18.82 13.63
CA LEU A 125 5.27 19.83 14.34
CA LEU A 125 6.20 18.78 14.02
C LEU A 125 5.28 20.66 15.61
C LEU A 125 6.51 19.79 15.13
N ASP A 126 6.27 20.39 16.46
N ASP A 126 7.56 19.50 15.90
CA ASP A 126 6.56 21.33 17.52
CA ASP A 126 8.10 20.43 16.88
C ASP A 126 7.37 22.50 16.97
C ASP A 126 9.36 21.10 16.34
N GLU A 127 7.61 23.50 17.81
N GLU A 127 10.00 21.90 17.18
CA GLU A 127 8.27 24.72 17.34
CA GLU A 127 11.16 22.70 16.76
C GLU A 127 9.68 24.45 16.86
C GLU A 127 12.38 21.86 16.39
N SER A 128 10.26 23.30 17.22
N SER A 128 12.46 20.64 16.91
CA SER A 128 11.60 22.93 16.82
CA SER A 128 13.53 19.71 16.52
C SER A 128 11.64 21.99 15.61
C SER A 128 13.31 19.13 15.13
N GLY A 129 10.49 21.60 15.07
N GLY A 129 12.16 19.39 14.49
CA GLY A 129 10.45 20.82 13.85
CA GLY A 129 11.79 18.72 13.27
C GLY A 129 10.25 19.32 14.01
C GLY A 129 11.23 17.33 13.48
N ASN A 130 10.13 18.81 15.22
N ASN A 130 10.98 16.94 14.72
CA ASN A 130 9.91 17.37 15.40
CA ASN A 130 10.42 15.64 15.03
C ASN A 130 8.43 17.04 15.28
C ASN A 130 8.90 15.74 15.22
N VAL A 131 8.13 15.82 14.82
N VAL A 131 8.20 14.64 14.91
CA VAL A 131 6.74 15.33 14.82
CA VAL A 131 6.73 14.66 14.92
C VAL A 131 6.29 15.12 16.27
C VAL A 131 6.20 14.80 16.34
N VAL A 132 5.03 15.46 16.50
CA VAL A 132 4.39 15.41 17.81
C VAL A 132 3.58 14.11 17.88
N PRO A 133 3.95 13.17 18.73
CA PRO A 133 3.24 11.89 18.77
C PRO A 133 1.89 11.98 19.45
N SER A 134 1.10 10.93 19.27
N SER A 134 1.09 10.93 19.21
CA SER A 134 -0.04 10.69 20.12
CA SER A 134 -0.07 10.55 20.01
C SER A 134 0.27 9.50 21.02
C SER A 134 0.36 9.52 21.05
N ASP A 135 -0.32 9.52 22.21
CA ASP A 135 -0.07 8.47 23.20
C ASP A 135 -0.86 7.19 22.95
N THR A 136 -1.36 7.02 21.73
N THR A 136 -1.67 7.14 21.90
CA THR A 136 -1.94 5.77 21.29
CA THR A 136 -2.57 5.99 21.73
C THR A 136 -0.84 4.73 21.05
C THR A 136 -1.74 4.79 21.31
N ASN A 137 -1.23 3.47 21.16
N ASN A 137 -1.77 3.75 22.14
CA ASN A 137 -0.31 2.38 20.84
CA ASN A 137 -1.03 2.53 21.83
C ASN A 137 -0.94 1.56 19.72
C ASN A 137 -1.60 1.88 20.58
N ILE A 138 -0.12 0.70 19.10
N ILE A 138 -0.72 1.25 19.79
CA ILE A 138 -0.64 -0.06 17.96
CA ILE A 138 -1.11 0.70 18.50
C ILE A 138 -1.76 -0.98 18.40
C ILE A 138 -2.03 -0.51 18.64
N LEU A 139 -1.84 -1.34 19.68
CA LEU A 139 -2.82 -2.37 20.03
C LEU A 139 -4.21 -1.78 20.18
N ASP A 140 -4.34 -0.60 20.77
CA ASP A 140 -5.65 0.03 20.85
C ASP A 140 -6.12 0.50 19.48
N THR A 141 -5.20 1.00 18.65
CA THR A 141 -5.61 1.32 17.28
C THR A 141 -6.09 0.07 16.56
N TRP A 142 -5.44 -1.08 16.78
CA TRP A 142 -5.89 -2.31 16.15
C TRP A 142 -7.30 -2.68 16.58
N ALA A 143 -7.61 -2.54 17.87
CA ALA A 143 -8.98 -2.84 18.33
C ALA A 143 -9.99 -1.95 17.61
N ALA A 144 -9.64 -0.68 17.39
CA ALA A 144 -10.53 0.21 16.65
C ALA A 144 -10.72 -0.26 15.21
N MET A 145 -9.65 -0.77 14.59
CA MET A 145 -9.77 -1.34 13.25
C MET A 145 -10.70 -2.56 13.24
N GLU A 146 -10.58 -3.41 14.26
CA GLU A 146 -11.45 -4.58 14.36
C GLU A 146 -12.92 -4.17 14.41
N GLU A 147 -13.22 -3.07 15.09
N GLU A 147 -13.22 -3.06 15.08
CA GLU A 147 -14.60 -2.58 15.15
CA GLU A 147 -14.60 -2.61 15.14
C GLU A 147 -15.14 -2.29 13.76
C GLU A 147 -15.15 -2.25 13.77
N LEU A 148 -14.28 -1.78 12.86
CA LEU A 148 -14.74 -1.44 11.52
C LEU A 148 -15.21 -2.69 10.76
N VAL A 149 -14.53 -3.83 10.97
CA VAL A 149 -14.99 -5.08 10.38
C VAL A 149 -16.38 -5.42 10.92
N ASP A 150 -16.53 -5.30 12.24
CA ASP A 150 -17.76 -5.69 12.90
C ASP A 150 -18.91 -4.72 12.65
N GLU A 151 -18.65 -3.58 12.04
CA GLU A 151 -19.67 -2.62 11.63
C GLU A 151 -19.96 -2.68 10.14
N GLY A 152 -19.26 -3.54 9.41
CA GLY A 152 -19.50 -3.69 7.99
C GLY A 152 -18.84 -2.65 7.09
N LEU A 153 -17.99 -1.77 7.65
N LEU A 153 -17.98 -1.80 7.63
CA LEU A 153 -17.36 -0.74 6.84
CA LEU A 153 -17.39 -0.76 6.80
C LEU A 153 -16.23 -1.28 5.99
C LEU A 153 -16.17 -1.24 6.03
N VAL A 154 -15.55 -2.33 6.47
CA VAL A 154 -14.39 -2.88 5.78
C VAL A 154 -14.48 -4.40 5.84
N LYS A 155 -14.04 -5.06 4.77
N LYS A 155 -14.04 -5.07 4.78
CA LYS A 155 -14.06 -6.53 4.71
CA LYS A 155 -14.06 -6.53 4.74
C LYS A 155 -12.83 -7.14 5.39
C LYS A 155 -12.80 -7.17 5.30
N ALA A 156 -11.70 -6.42 5.34
CA ALA A 156 -10.44 -6.89 5.89
C ALA A 156 -9.70 -5.70 6.46
N ILE A 157 -8.87 -5.98 7.45
CA ILE A 157 -7.98 -4.98 8.04
C ILE A 157 -6.55 -5.49 7.99
N GLY A 158 -5.62 -4.54 7.93
CA GLY A 158 -4.23 -4.88 7.93
C GLY A 158 -3.37 -3.72 8.36
N ILE A 159 -2.08 -3.85 8.09
CA ILE A 159 -1.06 -2.96 8.61
C ILE A 159 -0.11 -2.60 7.48
N SER A 160 0.68 -1.54 7.69
CA SER A 160 1.64 -1.09 6.69
C SER A 160 2.84 -0.49 7.40
N ASN A 161 4.04 -0.80 6.89
CA ASN A 161 5.28 -0.32 7.48
C ASN A 161 5.47 -0.81 8.91
N PHE A 162 4.93 -1.97 9.23
CA PHE A 162 5.17 -2.60 10.53
C PHE A 162 6.39 -3.52 10.41
N ASN A 163 7.29 -3.40 11.37
CA ASN A 163 8.46 -4.28 11.38
C ASN A 163 8.07 -5.61 12.02
N HIS A 164 9.04 -6.53 12.05
CA HIS A 164 8.73 -7.88 12.50
C HIS A 164 8.21 -7.89 13.93
N LEU A 165 8.83 -7.11 14.81
CA LEU A 165 8.38 -7.12 16.19
C LEU A 165 7.01 -6.47 16.35
N GLN A 166 6.68 -5.49 15.50
CA GLN A 166 5.37 -4.87 15.53
C GLN A 166 4.28 -5.81 15.02
N VAL A 167 4.56 -6.53 13.93
CA VAL A 167 3.63 -7.58 13.50
C VAL A 167 3.41 -8.56 14.64
N GLU A 168 4.50 -8.99 15.27
CA GLU A 168 4.40 -9.94 16.37
C GLU A 168 3.60 -9.35 17.53
N MET A 169 3.78 -8.06 17.82
CA MET A 169 3.01 -7.42 18.88
C MET A 169 1.51 -7.53 18.60
N ILE A 170 1.09 -7.29 17.35
N ILE A 170 1.11 -7.27 17.35
CA ILE A 170 -0.33 -7.45 17.06
CA ILE A 170 -0.29 -7.43 16.97
C ILE A 170 -0.74 -8.91 17.15
C ILE A 170 -0.72 -8.88 17.14
N LEU A 171 0.05 -9.81 16.58
CA LEU A 171 -0.32 -11.22 16.65
C LEU A 171 -0.41 -11.71 18.08
N ASN A 172 0.35 -11.09 18.98
CA ASN A 172 0.34 -11.43 20.40
C ASN A 172 -0.59 -10.52 21.22
N LYS A 173 -1.39 -9.68 20.57
CA LYS A 173 -2.26 -8.76 21.32
C LYS A 173 -3.21 -9.54 22.21
N PRO A 174 -3.30 -9.21 23.51
CA PRO A 174 -4.33 -9.84 24.34
C PRO A 174 -5.72 -9.60 23.75
N GLY A 175 -6.47 -10.68 23.63
CA GLY A 175 -7.82 -10.56 23.12
C GLY A 175 -7.92 -10.27 21.65
N LEU A 176 -6.85 -10.50 20.88
CA LEU A 176 -6.89 -10.28 19.43
C LEU A 176 -8.10 -10.94 18.82
N LYS A 177 -8.86 -10.18 18.02
CA LYS A 177 -10.06 -10.72 17.38
C LYS A 177 -9.83 -11.07 15.92
N TYR A 178 -9.17 -10.20 15.15
CA TYR A 178 -8.86 -10.48 13.76
C TYR A 178 -7.37 -10.28 13.54
N LYS A 179 -6.72 -11.30 13.00
N LYS A 179 -6.71 -11.27 12.95
CA LYS A 179 -5.34 -11.15 12.58
CA LYS A 179 -5.33 -11.08 12.55
C LYS A 179 -5.25 -10.19 11.39
C LYS A 179 -5.26 -10.06 11.41
N PRO A 180 -4.16 -9.45 11.27
N PRO A 180 -4.11 -9.41 11.22
CA PRO A 180 -3.97 -8.65 10.05
CA PRO A 180 -3.94 -8.59 10.03
C PRO A 180 -4.04 -9.55 8.83
C PRO A 180 -3.93 -9.47 8.79
N ALA A 181 -4.68 -9.05 7.77
CA ALA A 181 -4.73 -9.81 6.52
C ALA A 181 -3.51 -9.56 5.66
N VAL A 182 -2.95 -8.35 5.76
CA VAL A 182 -1.90 -7.85 4.89
C VAL A 182 -0.96 -7.00 5.72
N ASN A 183 0.33 -7.06 5.38
CA ASN A 183 1.31 -6.03 5.75
C ASN A 183 1.86 -5.46 4.45
N GLN A 184 1.61 -4.17 4.21
CA GLN A 184 2.08 -3.49 3.01
C GLN A 184 3.40 -2.78 3.34
N ILE A 185 4.47 -3.18 2.64
CA ILE A 185 5.82 -2.71 2.94
C ILE A 185 6.52 -2.36 1.64
N GLU A 186 7.54 -1.52 1.74
CA GLU A 186 8.37 -1.22 0.59
C GLU A 186 9.14 -2.48 0.20
N CYS A 187 9.18 -2.80 -1.10
CA CYS A 187 9.92 -3.99 -1.51
C CYS A 187 10.24 -3.92 -2.99
N HIS A 188 11.51 -4.15 -3.33
CA HIS A 188 12.04 -4.08 -4.68
C HIS A 188 13.45 -4.65 -4.65
N PRO A 189 14.15 -4.76 -5.79
CA PRO A 189 15.49 -5.38 -5.75
C PRO A 189 16.50 -4.68 -4.86
N TYR A 190 16.32 -3.41 -4.50
CA TYR A 190 17.26 -2.76 -3.59
C TYR A 190 16.85 -2.84 -2.13
N LEU A 191 15.68 -3.42 -1.83
CA LEU A 191 15.16 -3.58 -0.48
C LEU A 191 14.30 -4.85 -0.52
N THR A 192 14.97 -6.00 -0.42
CA THR A 192 14.35 -7.26 -0.80
C THR A 192 13.52 -7.89 0.32
N GLN A 193 13.79 -7.57 1.59
CA GLN A 193 12.87 -7.87 2.69
C GLN A 193 12.71 -9.36 2.96
N GLU A 194 13.74 -10.20 2.76
CA GLU A 194 13.55 -11.64 2.94
C GLU A 194 13.03 -11.97 4.34
N LYS A 195 13.61 -11.35 5.37
CA LYS A 195 13.26 -11.73 6.73
C LYS A 195 11.81 -11.39 7.06
N LEU A 196 11.40 -10.15 6.77
CA LEU A 196 10.06 -9.74 7.12
C LEU A 196 9.01 -10.47 6.30
N ILE A 197 9.30 -10.69 5.01
CA ILE A 197 8.37 -11.42 4.15
C ILE A 197 8.16 -12.84 4.66
N GLN A 198 9.25 -13.57 4.96
N GLN A 198 9.27 -13.54 4.94
CA GLN A 198 9.06 -14.95 5.40
CA GLN A 198 9.18 -14.91 5.44
C GLN A 198 8.30 -14.99 6.73
C GLN A 198 8.35 -14.98 6.70
N TYR A 199 8.59 -14.06 7.63
CA TYR A 199 7.84 -14.05 8.88
C TYR A 199 6.34 -13.86 8.63
N CYS A 200 5.98 -12.84 7.85
CA CYS A 200 4.57 -12.58 7.59
C CYS A 200 3.91 -13.75 6.90
N GLN A 201 4.55 -14.28 5.85
CA GLN A 201 3.95 -15.39 5.10
C GLN A 201 3.78 -16.61 5.99
N SER A 202 4.72 -16.84 6.90
CA SER A 202 4.64 -18.00 7.79
C SER A 202 3.46 -17.90 8.73
N LYS A 203 2.94 -16.70 8.96
CA LYS A 203 1.79 -16.47 9.81
C LYS A 203 0.50 -16.28 9.02
N GLY A 204 0.54 -16.47 7.70
CA GLY A 204 -0.66 -16.35 6.90
C GLY A 204 -1.01 -14.93 6.54
N ILE A 205 -0.09 -13.99 6.75
CA ILE A 205 -0.29 -12.59 6.39
C ILE A 205 0.29 -12.37 5.00
N VAL A 206 -0.53 -11.84 4.11
CA VAL A 206 -0.07 -11.55 2.75
C VAL A 206 0.70 -10.24 2.74
N VAL A 207 1.82 -10.20 2.01
CA VAL A 207 2.63 -9.00 1.89
C VAL A 207 2.34 -8.31 0.56
N THR A 208 2.08 -7.00 0.62
CA THR A 208 2.02 -6.15 -0.56
C THR A 208 3.30 -5.33 -0.65
N ALA A 209 3.92 -5.34 -1.83
CA ALA A 209 5.14 -4.58 -2.13
C ALA A 209 4.78 -3.22 -2.72
N TYR A 210 5.19 -2.15 -2.03
CA TYR A 210 5.04 -0.80 -2.55
C TYR A 210 6.36 -0.27 -3.11
N SER A 211 6.26 0.81 -3.87
CA SER A 211 7.36 1.39 -4.63
C SER A 211 8.16 0.33 -5.40
N PRO A 212 7.49 -0.56 -6.15
CA PRO A 212 8.21 -1.65 -6.82
C PRO A 212 9.14 -1.19 -7.91
N LEU A 213 8.92 -0.01 -8.46
CA LEU A 213 9.78 0.55 -9.49
C LEU A 213 10.82 1.49 -8.91
N GLY A 214 10.88 1.61 -7.58
CA GLY A 214 11.80 2.54 -6.96
C GLY A 214 11.31 3.97 -6.92
N SER A 215 10.02 4.21 -7.15
CA SER A 215 9.41 5.51 -6.97
C SER A 215 10.25 6.63 -7.60
N PRO A 216 10.48 6.61 -8.91
CA PRO A 216 11.28 7.68 -9.52
C PRO A 216 10.70 9.07 -9.34
N ASP A 217 9.40 9.23 -9.09
CA ASP A 217 8.78 10.53 -8.86
C ASP A 217 8.69 10.90 -7.38
N ARG A 218 9.31 10.16 -6.48
CA ARG A 218 9.29 10.55 -5.07
C ARG A 218 9.83 11.96 -4.91
N PRO A 219 9.27 12.77 -4.00
CA PRO A 219 9.62 14.19 -4.00
C PRO A 219 11.02 14.48 -3.51
N TRP A 220 11.64 13.56 -2.76
CA TRP A 220 12.94 13.78 -2.14
C TRP A 220 14.07 13.08 -2.90
N ALA A 221 13.82 12.67 -4.15
CA ALA A 221 14.84 12.00 -4.93
C ALA A 221 16.06 12.89 -5.10
N LYS A 222 17.24 12.26 -5.05
CA LYS A 222 18.50 12.92 -5.32
C LYS A 222 19.18 12.23 -6.49
N PRO A 223 19.89 12.97 -7.35
CA PRO A 223 20.47 12.36 -8.56
C PRO A 223 21.40 11.19 -8.29
N GLU A 224 22.09 11.17 -7.14
CA GLU A 224 23.03 10.10 -6.83
C GLU A 224 22.37 8.85 -6.27
N ASP A 225 21.07 8.87 -6.02
CA ASP A 225 20.37 7.69 -5.52
C ASP A 225 20.41 6.58 -6.56
N PRO A 226 20.37 5.33 -6.14
CA PRO A 226 20.27 4.24 -7.13
C PRO A 226 18.93 4.28 -7.82
N SER A 227 18.90 3.80 -9.08
CA SER A 227 17.72 3.86 -9.95
C SER A 227 17.45 2.48 -10.54
N LEU A 228 16.40 1.81 -10.06
CA LEU A 228 16.05 0.47 -10.56
C LEU A 228 15.78 0.47 -12.05
N LEU A 229 14.98 1.44 -12.52
CA LEU A 229 14.59 1.40 -13.92
C LEU A 229 15.78 1.61 -14.84
N GLU A 230 16.86 2.22 -14.36
N GLU A 230 16.86 2.22 -14.36
CA GLU A 230 18.04 2.47 -15.16
CA GLU A 230 18.05 2.46 -15.17
C GLU A 230 19.16 1.46 -14.93
C GLU A 230 19.21 1.54 -14.83
N ASP A 231 18.98 0.53 -14.00
CA ASP A 231 20.04 -0.40 -13.62
C ASP A 231 20.33 -1.32 -14.81
N PRO A 232 21.53 -1.30 -15.38
CA PRO A 232 21.81 -2.13 -16.54
C PRO A 232 21.60 -3.60 -16.31
N ARG A 233 21.80 -4.07 -15.08
CA ARG A 233 21.65 -5.49 -14.79
C ARG A 233 20.19 -5.92 -14.90
N ILE A 234 19.27 -5.04 -14.51
CA ILE A 234 17.84 -5.33 -14.60
C ILE A 234 17.36 -5.16 -16.02
N LYS A 235 17.85 -4.13 -16.70
CA LYS A 235 17.54 -3.96 -18.11
C LYS A 235 17.95 -5.20 -18.90
N ALA A 236 19.07 -5.83 -18.55
CA ALA A 236 19.50 -7.02 -19.29
C ALA A 236 18.54 -8.19 -19.11
N ILE A 237 18.03 -8.38 -17.90
CA ILE A 237 17.05 -9.42 -17.67
C ILE A 237 15.79 -9.15 -18.49
N ALA A 238 15.34 -7.89 -18.51
CA ALA A 238 14.18 -7.50 -19.30
C ALA A 238 14.41 -7.80 -20.78
N ALA A 239 15.57 -7.41 -21.31
CA ALA A 239 15.85 -7.64 -22.72
C ALA A 239 15.82 -9.13 -23.05
N LYS A 240 16.37 -9.97 -22.16
N LYS A 240 16.38 -9.97 -22.17
CA LYS A 240 16.39 -11.41 -22.39
CA LYS A 240 16.39 -11.41 -22.42
C LYS A 240 14.98 -11.96 -22.54
C LYS A 240 14.97 -11.94 -22.57
N HIS A 241 14.03 -11.41 -21.79
CA HIS A 241 12.64 -11.84 -21.80
C HIS A 241 11.77 -11.06 -22.77
N ASN A 242 12.33 -10.12 -23.53
N ASN A 242 12.35 -10.13 -23.52
CA ASN A 242 11.55 -9.29 -24.44
CA ASN A 242 11.57 -9.27 -24.42
C ASN A 242 10.43 -8.55 -23.71
C ASN A 242 10.45 -8.53 -23.68
N LYS A 243 10.74 -8.02 -22.53
N LYS A 243 10.77 -8.03 -22.50
CA LYS A 243 9.81 -7.23 -21.74
CA LYS A 243 9.85 -7.24 -21.68
C LYS A 243 10.51 -5.94 -21.31
C LYS A 243 10.53 -5.93 -21.31
N THR A 244 9.75 -5.01 -20.75
CA THR A 244 10.34 -3.78 -20.26
C THR A 244 10.92 -4.00 -18.87
N THR A 245 11.80 -3.09 -18.46
CA THR A 245 12.35 -3.16 -17.11
C THR A 245 11.24 -3.08 -16.07
N ALA A 246 10.25 -2.21 -16.29
CA ALA A 246 9.15 -2.13 -15.34
C ALA A 246 8.41 -3.45 -15.24
N GLN A 247 8.18 -4.12 -16.37
CA GLN A 247 7.48 -5.40 -16.34
C GLN A 247 8.25 -6.44 -15.53
N VAL A 248 9.58 -6.46 -15.65
CA VAL A 248 10.39 -7.34 -14.80
C VAL A 248 10.23 -6.99 -13.33
N LEU A 249 10.28 -5.69 -13.00
CA LEU A 249 10.17 -5.24 -11.63
C LEU A 249 8.81 -5.55 -11.02
N ILE A 250 7.77 -5.64 -11.84
CA ILE A 250 6.43 -5.99 -11.37
C ILE A 250 6.29 -7.51 -11.23
N ARG A 251 6.82 -8.27 -12.20
CA ARG A 251 6.74 -9.73 -12.14
C ARG A 251 7.53 -10.29 -10.96
N PHE A 252 8.65 -9.66 -10.60
CA PHE A 252 9.53 -10.12 -9.53
C PHE A 252 8.75 -10.37 -8.24
N PRO A 253 8.08 -9.37 -7.66
CA PRO A 253 7.32 -9.66 -6.42
C PRO A 253 6.19 -10.66 -6.62
N MET A 254 5.56 -10.67 -7.80
CA MET A 254 4.50 -11.64 -8.04
C MET A 254 4.99 -13.07 -7.82
N GLN A 255 6.21 -13.36 -8.27
CA GLN A 255 6.75 -14.71 -8.15
C GLN A 255 7.26 -15.02 -6.74
N ARG A 256 7.24 -14.06 -5.84
CA ARG A 256 7.51 -14.28 -4.42
C ARG A 256 6.22 -14.42 -3.62
N ASN A 257 5.09 -14.58 -4.31
CA ASN A 257 3.78 -14.65 -3.68
C ASN A 257 3.39 -13.35 -2.98
N LEU A 258 3.85 -12.24 -3.52
CA LEU A 258 3.48 -10.92 -3.04
C LEU A 258 2.44 -10.30 -3.96
N VAL A 259 1.68 -9.37 -3.40
CA VAL A 259 0.87 -8.42 -4.15
C VAL A 259 1.76 -7.22 -4.48
N VAL A 260 1.53 -6.57 -5.62
CA VAL A 260 2.37 -5.45 -6.04
C VAL A 260 1.50 -4.35 -6.62
N ILE A 261 1.85 -3.09 -6.34
CA ILE A 261 1.01 -1.93 -6.64
C ILE A 261 1.74 -0.81 -7.37
N PRO A 262 2.25 -1.06 -8.58
CA PRO A 262 2.91 0.02 -9.33
C PRO A 262 1.97 1.19 -9.60
N LYS A 263 2.51 2.40 -9.48
CA LYS A 263 1.76 3.63 -9.75
C LYS A 263 2.09 4.16 -11.15
N SER A 264 1.06 4.56 -11.89
CA SER A 264 1.26 5.36 -13.08
C SER A 264 -0.01 6.16 -13.34
N VAL A 265 0.18 7.34 -13.93
CA VAL A 265 -0.90 8.11 -14.54
C VAL A 265 -0.79 8.16 -16.06
N THR A 266 0.17 7.43 -16.64
CA THR A 266 0.38 7.45 -18.09
C THR A 266 -0.39 6.30 -18.71
N PRO A 267 -1.38 6.56 -19.57
CA PRO A 267 -2.22 5.43 -20.06
C PRO A 267 -1.43 4.28 -20.64
N GLU A 268 -0.41 4.56 -21.46
N GLU A 268 -0.40 4.55 -21.45
CA GLU A 268 0.37 3.49 -22.08
CA GLU A 268 0.31 3.43 -22.08
C GLU A 268 1.06 2.64 -21.03
C GLU A 268 1.11 2.63 -21.05
N ARG A 269 1.62 3.28 -20.00
CA ARG A 269 2.31 2.54 -18.95
C ARG A 269 1.34 1.76 -18.08
N ILE A 270 0.16 2.32 -17.81
CA ILE A 270 -0.85 1.57 -17.06
C ILE A 270 -1.13 0.25 -17.77
N ALA A 271 -1.34 0.30 -19.08
CA ALA A 271 -1.61 -0.91 -19.86
C ALA A 271 -0.40 -1.84 -19.88
N GLU A 272 0.81 -1.30 -20.15
CA GLU A 272 2.04 -2.10 -20.17
C GLU A 272 2.25 -2.83 -18.87
N ASN A 273 2.08 -2.13 -17.76
CA ASN A 273 2.38 -2.68 -16.45
C ASN A 273 1.47 -3.85 -16.09
N PHE A 274 0.30 -3.95 -16.72
CA PHE A 274 -0.59 -5.07 -16.44
C PHE A 274 -0.22 -6.31 -17.25
N LYS A 275 0.61 -6.17 -18.28
CA LYS A 275 0.92 -7.28 -19.20
C LYS A 275 2.11 -8.07 -18.67
N VAL A 276 1.89 -8.68 -17.52
CA VAL A 276 2.92 -9.37 -16.75
C VAL A 276 2.50 -10.77 -16.33
N PHE A 277 1.32 -11.26 -16.74
N PHE A 277 1.39 -11.27 -16.90
CA PHE A 277 0.85 -12.51 -16.17
CA PHE A 277 0.92 -12.63 -16.72
C PHE A 277 1.26 -13.74 -16.98
C PHE A 277 1.22 -13.52 -17.93
N ASP A 278 2.02 -13.57 -18.08
N ASP A 278 2.12 -13.09 -18.80
CA ASP A 278 2.22 -14.63 -19.06
CA ASP A 278 2.46 -13.89 -19.98
C ASP A 278 3.66 -14.75 -19.59
C ASP A 278 3.92 -14.30 -20.00
N PHE A 279 4.64 -14.23 -18.87
CA PHE A 279 6.04 -14.61 -18.95
C PHE A 279 6.51 -14.97 -17.54
N GLU A 280 7.61 -15.72 -17.46
CA GLU A 280 8.13 -16.15 -16.17
C GLU A 280 9.61 -15.80 -16.06
N LEU A 281 9.98 -15.26 -14.91
CA LEU A 281 11.39 -15.15 -14.53
C LEU A 281 11.87 -16.51 -14.02
N SER A 282 13.09 -16.89 -14.40
CA SER A 282 13.63 -18.15 -13.93
C SER A 282 14.03 -18.02 -12.45
N SER A 283 14.25 -19.17 -11.82
CA SER A 283 14.76 -19.15 -10.45
C SER A 283 16.09 -18.39 -10.36
N GLN A 284 16.95 -18.57 -11.36
CA GLN A 284 18.21 -17.85 -11.44
C GLN A 284 17.97 -16.34 -11.57
N ASP A 285 17.01 -15.94 -12.40
CA ASP A 285 16.64 -14.52 -12.49
C ASP A 285 16.22 -13.99 -11.13
N MET A 286 15.39 -14.76 -10.42
CA MET A 286 14.86 -14.34 -9.13
C MET A 286 15.99 -14.14 -8.13
N THR A 287 16.90 -15.13 -8.04
CA THR A 287 18.02 -15.02 -7.13
C THR A 287 18.95 -13.88 -7.52
N THR A 288 19.13 -13.67 -8.83
CA THR A 288 19.96 -12.56 -9.28
C THR A 288 19.34 -11.22 -8.87
N LEU A 289 18.03 -11.06 -9.06
CA LEU A 289 17.38 -9.81 -8.64
C LEU A 289 17.47 -9.63 -7.13
N LEU A 290 17.29 -10.71 -6.36
CA LEU A 290 17.43 -10.61 -4.91
C LEU A 290 18.82 -10.16 -4.53
N SER A 291 19.82 -10.51 -5.33
CA SER A 291 21.20 -10.20 -4.96
C SER A 291 21.49 -8.72 -5.01
N TYR A 292 20.60 -7.92 -5.59
CA TYR A 292 20.82 -6.47 -5.69
C TYR A 292 20.44 -5.73 -4.42
N ASN A 293 19.99 -6.43 -3.37
CA ASN A 293 19.57 -5.75 -2.15
C ASN A 293 20.67 -4.86 -1.61
N ARG A 294 20.27 -3.66 -1.18
N ARG A 294 20.27 -3.68 -1.16
CA ARG A 294 21.19 -2.78 -0.48
CA ARG A 294 21.20 -2.80 -0.46
C ARG A 294 20.50 -2.06 0.67
C ARG A 294 20.51 -2.09 0.70
N ASN A 295 19.34 -2.55 1.12
CA ASN A 295 18.62 -1.93 2.22
C ASN A 295 18.36 -0.44 1.96
N TRP A 296 18.01 -0.11 0.73
CA TRP A 296 17.73 1.26 0.33
C TRP A 296 16.23 1.53 0.34
N ARG A 297 15.81 2.56 1.08
CA ARG A 297 14.40 2.90 1.25
C ARG A 297 14.03 4.20 0.54
N VAL A 298 12.97 4.12 -0.27
CA VAL A 298 12.23 5.29 -0.70
C VAL A 298 11.60 6.01 0.48
N CYS A 299 10.93 5.25 1.34
CA CYS A 299 10.09 5.80 2.42
C CYS A 299 10.70 5.46 3.77
N ALA A 300 11.42 6.41 4.36
CA ALA A 300 12.05 6.21 5.66
C ALA A 300 11.42 7.03 6.78
N LEU A 301 10.39 7.82 6.49
CA LEU A 301 9.65 8.56 7.53
C LEU A 301 10.60 9.31 8.47
N LEU A 302 11.44 10.14 7.86
CA LEU A 302 12.60 10.67 8.57
C LEU A 302 12.26 11.69 9.67
N SER A 303 11.08 12.29 9.64
CA SER A 303 10.69 13.21 10.71
C SER A 303 10.20 12.50 11.96
N CYS A 304 10.18 11.16 11.95
CA CYS A 304 9.60 10.37 13.02
C CYS A 304 10.60 9.40 13.62
N THR A 305 11.90 9.61 13.39
CA THR A 305 12.93 8.65 13.83
C THR A 305 13.08 8.56 15.35
N SER A 306 12.47 9.47 16.13
CA SER A 306 12.44 9.35 17.58
C SER A 306 11.09 8.90 18.12
N HIS A 307 10.09 8.70 17.26
CA HIS A 307 8.82 8.21 17.72
C HIS A 307 9.01 6.81 18.31
N LYS A 308 8.31 6.52 19.42
CA LYS A 308 8.52 5.25 20.10
C LYS A 308 8.25 4.06 19.18
N ASP A 309 7.37 4.24 18.19
CA ASP A 309 6.97 3.17 17.28
C ASP A 309 7.59 3.33 15.89
N TYR A 310 8.62 4.16 15.74
CA TYR A 310 9.33 4.23 14.46
C TYR A 310 9.76 2.83 14.04
N PRO A 311 9.48 2.41 12.80
CA PRO A 311 9.64 0.98 12.47
C PRO A 311 11.01 0.55 11.99
N PHE A 312 11.90 1.46 11.59
CA PHE A 312 13.07 1.08 10.79
C PHE A 312 14.40 1.23 11.54
N HIS A 313 14.39 1.18 12.86
CA HIS A 313 15.67 1.14 13.56
C HIS A 313 16.32 -0.21 13.30
C1 CIT B . -11.16 17.62 1.34
O1 CIT B . -11.83 16.75 1.94
O2 CIT B . -11.48 18.83 1.42
C2 CIT B . -9.94 17.25 0.52
C3 CIT B . -10.21 16.09 -0.46
O7 CIT B . -11.37 16.40 -1.29
C4 CIT B . -8.97 15.91 -1.32
C5 CIT B . -9.26 15.05 -2.53
O3 CIT B . -9.53 13.84 -2.41
O4 CIT B . -9.22 15.56 -3.68
C6 CIT B . -10.51 14.79 0.26
O5 CIT B . -11.59 14.22 0.02
O6 CIT B . -9.71 14.30 1.10
C1 NXK C . 4.38 10.75 2.80
C1 NXK C . 4.26 10.68 2.75
C2 NXK C . 3.67 11.91 3.13
C2 NXK C . 3.54 11.85 2.88
C3 NXK C . 2.52 12.25 2.45
C3 NXK C . 2.39 12.09 2.15
C4 NXK C . 2.08 11.43 1.44
C4 NXK C . 1.98 11.13 1.28
C7 NXK C . 3.80 7.78 0.90
C7 NXK C . 4.13 7.70 0.67
C8 NXK C . 3.11 7.06 2.01
C8 NXK C . 2.91 6.89 1.02
N NXK C . 6.51 11.45 3.73
N NXK C . 6.38 11.62 3.39
C NXK C . 5.62 10.46 3.60
C NXK C . 5.55 10.57 3.49
O NXK C . 5.78 9.35 4.10
O NXK C . 5.84 9.57 4.14
C5 NXK C . 2.74 10.28 1.08
C5 NXK C . 2.62 9.93 1.12
C6 NXK C . 3.89 9.96 1.77
C6 NXK C . 3.77 9.71 1.87
F1 NXK C . 0.97 11.78 0.76
F1 NXK C . 0.89 11.37 0.49
O1 NXK C . 4.58 8.81 1.50
O1 NXK C . 4.49 8.55 1.75
O2 NXK C . 2.31 6.15 1.56
O2 NXK C . 2.49 6.18 0.02
O3 NXK C . 3.35 7.25 3.20
O3 NXK C . 2.45 6.83 2.12
PA NAP D . 6.46 3.23 -8.08
O1A NAP D . 7.66 2.42 -7.72
O2A NAP D . 5.18 2.55 -8.37
O5B NAP D . 6.90 4.20 -9.26
C5B NAP D . 6.00 5.18 -9.81
C4B NAP D . 6.79 5.97 -10.82
O4B NAP D . 7.19 5.10 -11.90
C3B NAP D . 6.06 7.13 -11.47
O3B NAP D . 6.99 8.19 -11.66
C2B NAP D . 5.58 6.55 -12.80
O2B NAP D . 5.43 7.55 -13.82
C1B NAP D . 6.75 5.62 -13.14
N9A NAP D . 6.39 4.51 -14.00
C8A NAP D . 5.28 3.70 -13.88
N7A NAP D . 5.22 2.74 -14.78
C5A NAP D . 6.36 2.94 -15.54
C6A NAP D . 6.86 2.28 -16.68
N6A NAP D . 6.25 1.24 -17.27
N1A NAP D . 8.01 2.74 -17.22
C2A NAP D . 8.62 3.79 -16.65
N3A NAP D . 8.25 4.49 -15.58
C4A NAP D . 7.09 4.02 -15.07
O3 NAP D . 6.26 4.30 -6.90
PN NAP D . 5.29 4.62 -5.69
O1N NAP D . 4.18 5.48 -6.16
O2N NAP D . 6.15 5.12 -4.59
O5D NAP D . 4.74 3.19 -5.18
C5D NAP D . 3.56 2.56 -5.74
C4D NAP D . 2.37 2.77 -4.82
O4D NAP D . 2.60 2.13 -3.54
C3D NAP D . 2.05 4.20 -4.42
O3D NAP D . 1.51 4.97 -5.49
C2D NAP D . 1.10 3.96 -3.25
O2D NAP D . -0.15 3.54 -3.78
C1D NAP D . 1.84 2.80 -2.56
N1N NAP D . 2.79 3.23 -1.46
C2N NAP D . 2.43 3.03 -0.18
C3N NAP D . 3.24 3.46 0.84
C7N NAP D . 2.92 3.12 2.27
O7N NAP D . 3.48 3.76 3.20
N7N NAP D . 2.04 2.14 2.49
C4N NAP D . 4.41 4.14 0.53
C5N NAP D . 4.77 4.31 -0.79
C6N NAP D . 3.94 3.83 -1.79
P2B NAP D . 4.03 8.10 -14.38
O1X NAP D . 4.35 9.50 -14.81
O2X NAP D . 3.68 7.19 -15.55
O3X NAP D . 3.02 8.01 -13.27
#